data_4JG5
#
_entry.id   4JG5
#
_cell.length_a   60.890
_cell.length_b   165.080
_cell.length_c   36.450
_cell.angle_alpha   90.000
_cell.angle_beta   90.000
_cell.angle_gamma   90.000
#
_symmetry.space_group_name_H-M   'P 21 21 2'
#
loop_
_entity.id
_entity.type
_entity.pdbx_description
1 polymer 'Putative cell adhesion protein'
2 water water
#
_entity_poly.entity_id   1
_entity_poly.type   'polypeptide(L)'
_entity_poly.pdbx_seq_one_letter_code
;GKDEDPVLPLEGAKLSVAVKASGTATKAYNPNDVNELEGEAYINNLAVVVFNETGTELLGYKWEALSGAEHSAIIADVPT
TKAVRARIIVLANVPRDLLSTVSTYDEFQTRLVDLSSQSQTNLT(MSE)SSQVIVTKSALSEEDNYLGYTDLGDQNVDGI
SDPILLTRVAARIDLVNISTRFAGTPFAGREVRIDAVGIYN(MSE)KTKSYYFSEADWGETEAPDAVRNSEDTSFEDLLV
NDGTSISNTPFVHYV(MSE)EN(MSE)KSDDHT(MSE)IAVKATLRGNSSYQDHTKIFTAVINAGGLQNGYDHNFIRRNY
VYRLRIYFDGESFDNIPVTPDPGPGPDPEPEVDTNLNIAVQVVGWGPV(MSE)QHPVID
;
_entity_poly.pdbx_strand_id   A
#
# COMPACT_ATOMS: atom_id res chain seq x y z
N PRO A 9 40.99 -5.20 9.73
CA PRO A 9 41.13 -5.62 11.13
C PRO A 9 40.17 -6.79 11.45
N LEU A 10 39.25 -6.62 12.43
CA LEU A 10 38.27 -7.64 12.86
C LEU A 10 37.15 -7.77 11.80
N GLU A 11 37.47 -8.51 10.71
CA GLU A 11 36.59 -8.79 9.56
C GLU A 11 36.35 -10.29 9.41
N GLY A 12 35.14 -10.63 8.99
CA GLY A 12 34.71 -12.01 8.87
C GLY A 12 33.44 -12.24 9.65
N ALA A 13 33.00 -11.19 10.40
CA ALA A 13 31.73 -11.19 11.16
C ALA A 13 30.64 -10.73 10.20
N LYS A 14 29.78 -11.67 9.81
CA LYS A 14 28.76 -11.39 8.80
C LYS A 14 27.38 -11.90 9.18
N LEU A 15 26.34 -11.39 8.49
CA LEU A 15 24.95 -11.77 8.68
C LEU A 15 24.28 -12.09 7.35
N SER A 16 23.54 -13.21 7.30
CA SER A 16 22.80 -13.64 6.12
C SER A 16 21.33 -13.69 6.50
N VAL A 17 20.48 -13.10 5.65
CA VAL A 17 19.08 -13.00 5.95
C VAL A 17 18.25 -13.59 4.82
N ALA A 18 17.29 -14.47 5.20
CA ALA A 18 16.29 -15.04 4.31
C ALA A 18 14.99 -14.30 4.59
N VAL A 19 14.39 -13.76 3.53
CA VAL A 19 13.19 -12.93 3.64
C VAL A 19 11.99 -13.55 2.90
N LYS A 20 10.82 -13.02 3.22
CA LYS A 20 9.55 -13.34 2.63
C LYS A 20 8.69 -12.10 2.68
N ALA A 21 8.02 -11.80 1.58
CA ALA A 21 7.05 -10.73 1.46
C ALA A 21 5.79 -11.12 2.26
N SER A 22 5.29 -10.26 3.18
CA SER A 22 4.05 -10.57 3.91
C SER A 22 2.85 -10.52 2.95
N GLY A 23 2.03 -11.54 3.00
CA GLY A 23 0.83 -11.57 2.19
C GLY A 23 -0.31 -11.02 3.00
N THR A 24 -1.01 -11.91 3.69
CA THR A 24 -2.15 -11.57 4.55
C THR A 24 -1.76 -11.66 6.04
N ALA A 25 -2.53 -10.94 6.90
CA ALA A 25 -2.32 -10.89 8.35
C ALA A 25 -2.48 -12.29 8.99
N THR A 26 -3.46 -13.08 8.49
CA THR A 26 -3.72 -14.44 8.96
C THR A 26 -2.99 -15.43 8.05
N LYS A 27 -2.19 -16.34 8.64
CA LYS A 27 -1.48 -17.39 7.90
C LYS A 27 -2.47 -18.57 7.80
N ALA A 28 -3.41 -18.44 6.86
CA ALA A 28 -4.51 -19.37 6.61
C ALA A 28 -4.87 -19.38 5.15
N TYR A 29 -5.56 -20.44 4.71
CA TYR A 29 -6.07 -20.62 3.36
C TYR A 29 -7.29 -19.71 3.15
N ASN A 30 -7.18 -18.76 2.20
CA ASN A 30 -8.31 -17.89 1.83
C ASN A 30 -8.18 -17.43 0.37
N PRO A 31 -9.08 -17.89 -0.52
CA PRO A 31 -9.01 -17.45 -1.94
C PRO A 31 -9.39 -15.96 -2.12
N ASN A 32 -10.30 -15.41 -1.27
CA ASN A 32 -10.71 -13.99 -1.35
C ASN A 32 -9.57 -13.02 -0.98
N ASP A 33 -8.57 -13.47 -0.22
CA ASP A 33 -7.46 -12.60 0.17
C ASP A 33 -6.24 -12.73 -0.80
N VAL A 34 -6.47 -13.31 -2.00
CA VAL A 34 -5.50 -13.43 -3.10
C VAL A 34 -5.82 -12.26 -4.08
N ASN A 35 -5.00 -11.16 -4.04
CA ASN A 35 -5.23 -9.92 -4.79
C ASN A 35 -3.96 -9.28 -5.43
N GLU A 36 -2.83 -9.98 -5.35
CA GLU A 36 -1.51 -9.59 -5.87
C GLU A 36 -1.44 -9.58 -7.43
N LEU A 37 -1.15 -8.41 -8.05
CA LEU A 37 -0.96 -8.27 -9.50
C LEU A 37 0.52 -8.62 -9.82
N GLU A 38 0.81 -9.14 -11.06
CA GLU A 38 2.18 -9.54 -11.42
CA GLU A 38 2.14 -9.50 -11.56
C GLU A 38 3.15 -8.35 -11.29
N GLY A 39 4.19 -8.62 -10.51
CA GLY A 39 5.23 -7.64 -10.19
C GLY A 39 5.22 -7.17 -8.76
N GLU A 40 4.04 -7.15 -8.13
CA GLU A 40 3.82 -6.61 -6.78
C GLU A 40 4.55 -7.36 -5.69
N ALA A 41 5.18 -8.49 -6.04
CA ALA A 41 5.97 -9.29 -5.10
C ALA A 41 7.41 -9.43 -5.59
N TYR A 42 7.79 -8.70 -6.68
CA TYR A 42 9.15 -8.66 -7.23
C TYR A 42 10.06 -8.08 -6.20
N ILE A 43 11.24 -8.70 -6.00
CA ILE A 43 12.25 -8.23 -5.04
C ILE A 43 13.41 -7.87 -5.90
N ASN A 44 13.44 -6.59 -6.34
CA ASN A 44 14.44 -6.07 -7.27
C ASN A 44 15.76 -5.90 -6.55
N ASN A 45 15.68 -5.65 -5.25
CA ASN A 45 16.86 -5.46 -4.41
C ASN A 45 16.49 -5.65 -2.97
N LEU A 46 17.49 -5.99 -2.16
CA LEU A 46 17.40 -6.19 -0.73
C LEU A 46 18.43 -5.30 -0.06
N ALA A 47 18.08 -4.75 1.12
CA ALA A 47 18.99 -3.92 1.90
C ALA A 47 18.89 -4.29 3.39
N VAL A 48 20.04 -4.40 4.08
CA VAL A 48 20.15 -4.71 5.51
C VAL A 48 21.01 -3.65 6.19
N VAL A 49 20.47 -3.01 7.26
CA VAL A 49 21.19 -2.05 8.07
C VAL A 49 21.29 -2.64 9.49
N VAL A 50 22.50 -2.66 10.06
CA VAL A 50 22.76 -3.20 11.40
C VAL A 50 23.36 -2.10 12.31
N PHE A 51 22.66 -1.80 13.38
CA PHE A 51 23.06 -0.86 14.42
C PHE A 51 23.39 -1.59 15.71
N ASN A 52 24.06 -0.92 16.66
CA ASN A 52 24.29 -1.52 17.97
C ASN A 52 22.94 -1.55 18.70
N GLU A 53 22.84 -2.15 19.90
CA GLU A 53 21.56 -2.27 20.64
C GLU A 53 20.78 -0.93 20.75
N THR A 54 21.46 0.20 21.00
CA THR A 54 20.82 1.51 21.20
C THR A 54 20.61 2.34 19.91
N GLY A 55 21.20 1.88 18.80
CA GLY A 55 21.11 2.53 17.49
C GLY A 55 21.99 3.75 17.34
N THR A 56 22.97 3.89 18.24
CA THR A 56 23.96 4.97 18.33
C THR A 56 25.11 4.75 17.32
N GLU A 57 25.43 3.49 17.06
CA GLU A 57 26.54 3.11 16.21
C GLU A 57 26.07 2.20 15.07
N LEU A 58 26.64 2.40 13.88
CA LEU A 58 26.40 1.60 12.69
C LEU A 58 27.40 0.47 12.68
N LEU A 59 26.93 -0.79 12.67
CA LEU A 59 27.81 -1.96 12.66
C LEU A 59 28.08 -2.46 11.23
N GLY A 60 27.15 -2.14 10.33
CA GLY A 60 27.26 -2.51 8.94
C GLY A 60 25.97 -2.33 8.18
N TYR A 61 26.09 -2.45 6.88
CA TYR A 61 24.98 -2.40 5.95
C TYR A 61 25.35 -3.10 4.65
N LYS A 62 24.35 -3.42 3.84
CA LYS A 62 24.53 -3.97 2.51
C LYS A 62 23.25 -3.79 1.72
N TRP A 63 23.39 -3.35 0.48
CA TRP A 63 22.35 -3.27 -0.52
C TRP A 63 22.78 -4.16 -1.67
N GLU A 64 21.84 -4.89 -2.26
CA GLU A 64 22.17 -5.77 -3.37
C GLU A 64 21.00 -5.88 -4.32
N ALA A 65 21.27 -5.67 -5.62
CA ALA A 65 20.25 -5.86 -6.64
C ALA A 65 20.12 -7.38 -6.91
N LEU A 66 18.92 -7.83 -7.22
CA LEU A 66 18.67 -9.25 -7.50
C LEU A 66 18.02 -9.41 -8.84
N SER A 67 18.22 -10.56 -9.49
CA SER A 67 17.53 -10.84 -10.76
C SER A 67 16.59 -12.00 -10.55
N GLY A 68 15.35 -11.82 -10.99
CA GLY A 68 14.33 -12.87 -10.93
C GLY A 68 13.91 -13.33 -9.56
N ALA A 69 14.05 -12.45 -8.54
CA ALA A 69 13.62 -12.73 -7.17
C ALA A 69 12.19 -12.20 -6.96
N GLU A 70 11.34 -13.04 -6.37
CA GLU A 70 9.94 -12.72 -6.14
C GLU A 70 9.43 -13.50 -4.92
N HIS A 71 8.61 -12.86 -4.06
CA HIS A 71 8.00 -13.45 -2.85
C HIS A 71 8.99 -13.70 -1.73
N SER A 72 10.11 -14.39 -2.01
CA SER A 72 11.15 -14.70 -1.05
C SER A 72 12.50 -14.56 -1.69
N ALA A 73 13.53 -14.23 -0.89
CA ALA A 73 14.89 -14.06 -1.38
C ALA A 73 15.89 -14.16 -0.23
N ILE A 74 17.17 -14.04 -0.56
CA ILE A 74 18.28 -14.06 0.39
C ILE A 74 19.21 -12.87 0.08
N ILE A 75 19.74 -12.26 1.14
CA ILE A 75 20.82 -11.27 1.12
C ILE A 75 21.89 -11.84 2.07
N ALA A 76 23.00 -12.31 1.51
CA ALA A 76 24.05 -12.96 2.29
C ALA A 76 25.23 -12.03 2.61
N ASP A 77 26.00 -12.43 3.64
CA ASP A 77 27.26 -11.82 4.10
C ASP A 77 27.21 -10.30 4.29
N VAL A 78 26.21 -9.82 5.02
CA VAL A 78 26.13 -8.42 5.39
C VAL A 78 27.22 -8.22 6.46
N PRO A 79 28.13 -7.25 6.34
CA PRO A 79 29.17 -7.10 7.36
C PRO A 79 28.59 -6.53 8.64
N THR A 80 29.08 -7.03 9.79
CA THR A 80 28.66 -6.59 11.14
C THR A 80 29.96 -6.51 11.94
N THR A 81 30.59 -5.33 11.98
CA THR A 81 31.89 -5.08 12.64
C THR A 81 32.09 -5.75 14.01
N LYS A 82 31.08 -5.72 14.89
CA LYS A 82 31.20 -6.24 16.25
C LYS A 82 30.30 -7.44 16.58
N ALA A 83 30.76 -8.27 17.53
CA ALA A 83 30.05 -9.41 18.08
C ALA A 83 29.26 -8.94 19.30
N VAL A 84 28.24 -8.14 19.05
CA VAL A 84 27.38 -7.52 20.07
C VAL A 84 25.90 -7.66 19.71
N ARG A 85 25.01 -7.35 20.69
CA ARG A 85 23.56 -7.27 20.50
C ARG A 85 23.30 -6.19 19.47
N ALA A 86 22.38 -6.43 18.54
CA ALA A 86 22.13 -5.48 17.46
C ALA A 86 20.67 -5.15 17.25
N ARG A 87 20.46 -4.08 16.51
CA ARG A 87 19.21 -3.53 16.01
C ARG A 87 19.30 -3.61 14.48
N ILE A 88 18.53 -4.53 13.87
CA ILE A 88 18.54 -4.82 12.44
C ILE A 88 17.25 -4.39 11.73
N ILE A 89 17.41 -3.82 10.52
CA ILE A 89 16.30 -3.47 9.65
C ILE A 89 16.59 -4.06 8.26
N VAL A 90 15.59 -4.77 7.68
CA VAL A 90 15.64 -5.40 6.36
C VAL A 90 14.63 -4.70 5.50
N LEU A 91 15.03 -4.28 4.30
CA LEU A 91 14.16 -3.59 3.35
C LEU A 91 14.29 -4.19 1.98
N ALA A 92 13.23 -4.09 1.18
CA ALA A 92 13.23 -4.51 -0.24
C ALA A 92 12.74 -3.35 -1.11
N ASN A 93 13.35 -3.19 -2.29
CA ASN A 93 13.03 -2.19 -3.33
C ASN A 93 13.18 -0.78 -2.78
N VAL A 94 14.42 -0.47 -2.46
CA VAL A 94 14.84 0.82 -1.93
C VAL A 94 16.02 1.36 -2.78
N PRO A 95 16.29 2.69 -2.75
CA PRO A 95 17.43 3.21 -3.53
C PRO A 95 18.76 2.58 -3.10
N ARG A 96 19.66 2.37 -4.09
CA ARG A 96 21.02 1.82 -3.94
C ARG A 96 21.85 2.58 -2.90
N ASP A 97 21.71 3.92 -2.87
CA ASP A 97 22.54 4.79 -2.03
C ASP A 97 21.92 5.18 -0.69
N LEU A 98 20.70 4.72 -0.37
CA LEU A 98 20.02 5.06 0.87
C LEU A 98 20.83 4.70 2.11
N LEU A 99 21.38 3.49 2.16
CA LEU A 99 22.10 3.01 3.34
C LEU A 99 23.50 3.57 3.49
N SER A 100 24.13 4.01 2.38
CA SER A 100 25.49 4.57 2.40
C SER A 100 25.57 5.92 3.15
N THR A 101 24.43 6.57 3.41
CA THR A 101 24.42 7.86 4.11
C THR A 101 23.89 7.76 5.56
N VAL A 102 23.68 6.53 6.05
CA VAL A 102 23.15 6.22 7.38
C VAL A 102 24.23 6.46 8.44
N SER A 103 23.84 7.06 9.57
CA SER A 103 24.68 7.35 10.72
C SER A 103 24.08 6.68 11.98
N THR A 104 22.89 7.16 12.40
CA THR A 104 22.18 6.66 13.58
C THR A 104 20.81 6.11 13.23
N TYR A 105 20.26 5.32 14.15
CA TYR A 105 18.93 4.72 14.03
C TYR A 105 17.86 5.80 14.00
N ASP A 106 17.98 6.80 14.89
CA ASP A 106 17.03 7.91 15.02
C ASP A 106 16.97 8.73 13.72
N GLU A 107 18.12 8.96 13.06
CA GLU A 107 18.15 9.69 11.79
C GLU A 107 17.56 8.81 10.68
N PHE A 108 17.91 7.51 10.64
CA PHE A 108 17.35 6.61 9.61
C PHE A 108 15.80 6.51 9.73
N GLN A 109 15.25 6.56 10.97
CA GLN A 109 13.80 6.58 11.19
C GLN A 109 13.10 7.75 10.52
N THR A 110 13.83 8.88 10.25
CA THR A 110 13.25 10.09 9.65
C THR A 110 13.09 10.01 8.11
N ARG A 111 13.81 9.08 7.44
CA ARG A 111 13.84 8.94 5.97
C ARG A 111 12.47 8.62 5.42
N LEU A 112 12.17 9.27 4.29
CA LEU A 112 10.88 9.16 3.64
C LEU A 112 10.97 8.57 2.27
N VAL A 113 10.01 7.70 1.95
CA VAL A 113 9.90 7.13 0.63
C VAL A 113 8.70 7.82 -0.08
N ASP A 114 8.94 8.27 -1.32
CA ASP A 114 7.94 8.95 -2.11
C ASP A 114 7.21 7.93 -2.97
N LEU A 115 5.88 8.12 -3.10
CA LEU A 115 4.94 7.33 -3.89
C LEU A 115 5.37 7.22 -5.38
N SER A 116 6.10 8.22 -5.91
CA SER A 116 6.61 8.24 -7.29
C SER A 116 7.57 7.06 -7.57
N SER A 117 8.25 6.54 -6.54
CA SER A 117 9.14 5.36 -6.64
C SER A 117 8.33 4.02 -6.68
N GLN A 118 7.05 4.05 -6.23
CA GLN A 118 6.15 2.88 -6.19
C GLN A 118 5.44 2.64 -7.51
N SER A 119 5.43 1.37 -7.97
CA SER A 119 4.76 0.94 -9.20
C SER A 119 4.38 -0.52 -9.06
N GLN A 120 3.68 -1.09 -10.06
CA GLN A 120 3.27 -2.50 -9.99
C GLN A 120 4.48 -3.44 -9.93
N THR A 121 5.67 -3.07 -10.46
CA THR A 121 6.85 -3.96 -10.47
C THR A 121 7.90 -3.54 -9.44
N ASN A 122 7.57 -2.52 -8.62
CA ASN A 122 8.46 -2.02 -7.61
C ASN A 122 7.69 -1.46 -6.41
N LEU A 123 7.55 -2.27 -5.35
CA LEU A 123 6.89 -1.83 -4.13
C LEU A 123 7.84 -2.00 -2.95
N THR A 124 8.10 -0.91 -2.24
CA THR A 124 8.95 -0.88 -1.08
C THR A 124 8.31 -1.65 0.09
N SER A 126 9.51 -3.56 4.11
CA SER A 126 10.47 -3.60 5.20
C SER A 126 9.95 -4.48 6.29
N SER A 127 10.88 -4.91 7.10
CA SER A 127 10.67 -5.71 8.27
C SER A 127 10.37 -4.80 9.43
N GLN A 128 10.00 -5.40 10.57
CA GLN A 128 9.96 -4.71 11.87
C GLN A 128 11.43 -4.42 12.27
N VAL A 129 11.64 -3.68 13.35
CA VAL A 129 12.96 -3.44 13.88
C VAL A 129 13.32 -4.65 14.76
N ILE A 130 14.28 -5.47 14.30
CA ILE A 130 14.70 -6.65 15.06
C ILE A 130 15.78 -6.24 16.05
N VAL A 131 15.51 -6.45 17.36
CA VAL A 131 16.44 -6.17 18.45
C VAL A 131 16.87 -7.53 18.98
N THR A 132 18.15 -7.88 18.78
CA THR A 132 18.60 -9.19 19.18
C THR A 132 18.76 -9.28 20.69
N LYS A 133 18.40 -10.45 21.23
CA LYS A 133 18.48 -10.79 22.65
C LYS A 133 19.89 -11.31 22.92
N SER A 134 20.41 -12.07 21.98
CA SER A 134 21.78 -12.57 22.06
C SER A 134 22.70 -11.66 21.27
N ALA A 135 23.97 -11.62 21.65
CA ALA A 135 24.96 -10.91 20.87
C ALA A 135 25.16 -11.68 19.56
N LEU A 136 25.56 -11.00 18.49
CA LEU A 136 25.94 -11.65 17.23
C LEU A 136 27.30 -12.29 17.45
N SER A 137 27.75 -13.24 16.61
CA SER A 137 29.08 -13.86 16.76
C SER A 137 30.11 -13.14 15.90
N GLU A 138 31.39 -13.47 16.11
CA GLU A 138 32.53 -12.92 15.36
C GLU A 138 32.65 -13.61 13.99
N GLU A 139 31.80 -14.64 13.76
CA GLU A 139 31.78 -15.44 12.54
C GLU A 139 30.48 -15.18 11.72
N ASP A 140 29.85 -16.24 11.18
CA ASP A 140 28.67 -16.13 10.34
C ASP A 140 27.38 -16.26 11.16
N ASN A 141 26.53 -15.23 11.03
CA ASN A 141 25.22 -15.11 11.69
C ASN A 141 24.14 -15.29 10.67
N TYR A 142 22.99 -15.80 11.10
CA TYR A 142 21.86 -16.06 10.21
C TYR A 142 20.56 -15.63 10.82
N LEU A 143 19.64 -15.22 9.95
CA LEU A 143 18.26 -14.83 10.24
C LEU A 143 17.36 -15.40 9.16
N GLY A 144 16.32 -16.13 9.58
CA GLY A 144 15.33 -16.65 8.66
C GLY A 144 15.64 -17.93 7.91
N TYR A 145 16.71 -18.63 8.29
CA TYR A 145 17.11 -19.90 7.64
C TYR A 145 16.40 -21.07 8.32
N THR A 146 15.28 -21.54 7.73
CA THR A 146 14.43 -22.59 8.31
C THR A 146 15.21 -23.87 8.62
N ASP A 147 16.07 -24.33 7.69
CA ASP A 147 16.90 -25.54 7.81
C ASP A 147 18.01 -25.42 8.88
N LEU A 148 18.34 -24.19 9.33
CA LEU A 148 19.36 -24.01 10.37
C LEU A 148 18.71 -24.00 11.79
N GLY A 149 17.39 -23.79 11.85
CA GLY A 149 16.61 -23.78 13.10
C GLY A 149 17.14 -22.85 14.16
N ASP A 150 17.61 -23.44 15.25
CA ASP A 150 18.16 -22.77 16.43
C ASP A 150 19.54 -22.14 16.20
N GLN A 151 20.23 -22.44 15.08
CA GLN A 151 21.53 -21.84 14.76
C GLN A 151 21.36 -20.38 14.32
N ASN A 152 20.11 -19.98 14.04
CA ASN A 152 19.79 -18.59 13.68
C ASN A 152 19.90 -17.71 14.93
N VAL A 153 20.12 -16.40 14.73
CA VAL A 153 20.17 -15.39 15.81
C VAL A 153 18.83 -15.46 16.55
N ASP A 154 18.86 -15.74 17.86
CA ASP A 154 17.69 -15.88 18.75
C ASP A 154 16.71 -16.98 18.25
N GLY A 155 17.20 -17.91 17.44
CA GLY A 155 16.38 -18.99 16.91
C GLY A 155 15.28 -18.51 15.98
N ILE A 156 15.49 -17.34 15.32
CA ILE A 156 14.55 -16.79 14.37
C ILE A 156 14.83 -17.52 13.03
N SER A 157 14.19 -18.69 12.87
CA SER A 157 14.37 -19.60 11.75
C SER A 157 13.33 -19.38 10.64
N ASP A 158 12.23 -18.67 10.91
CA ASP A 158 11.25 -18.34 9.87
C ASP A 158 11.73 -17.12 9.07
N PRO A 159 11.61 -17.15 7.71
CA PRO A 159 12.07 -15.98 6.91
C PRO A 159 11.55 -14.61 7.41
N ILE A 160 12.41 -13.58 7.46
CA ILE A 160 12.00 -12.24 7.95
C ILE A 160 10.89 -11.69 7.04
N LEU A 161 9.71 -11.43 7.62
CA LEU A 161 8.56 -10.91 6.89
C LEU A 161 8.76 -9.45 6.52
N LEU A 162 8.65 -9.13 5.23
CA LEU A 162 8.79 -7.76 4.68
C LEU A 162 7.42 -7.27 4.22
N THR A 163 6.89 -6.26 4.90
CA THR A 163 5.54 -5.72 4.66
C THR A 163 5.62 -4.39 3.84
N ARG A 164 4.78 -4.28 2.78
CA ARG A 164 4.67 -3.10 1.91
C ARG A 164 4.28 -1.84 2.71
N VAL A 165 4.83 -0.69 2.31
CA VAL A 165 4.49 0.58 2.93
C VAL A 165 3.25 1.15 2.20
N ALA A 166 3.09 0.78 0.93
CA ALA A 166 1.98 1.19 0.07
C ALA A 166 0.71 0.35 0.28
N ALA A 167 -0.40 0.95 -0.15
CA ALA A 167 -1.74 0.38 -0.14
C ALA A 167 -2.27 0.51 -1.56
N ARG A 168 -3.23 -0.32 -1.95
CA ARG A 168 -3.78 -0.26 -3.31
C ARG A 168 -5.27 -0.05 -3.26
N ILE A 169 -5.74 0.94 -4.01
CA ILE A 169 -7.15 1.28 -4.14
C ILE A 169 -7.60 0.83 -5.52
N ASP A 170 -8.68 0.02 -5.59
CA ASP A 170 -9.25 -0.50 -6.83
C ASP A 170 -10.70 -0.09 -6.98
N LEU A 171 -11.04 0.62 -8.06
CA LEU A 171 -12.45 0.95 -8.35
C LEU A 171 -12.99 -0.23 -9.12
N VAL A 172 -13.76 -1.10 -8.46
CA VAL A 172 -14.22 -2.31 -9.15
C VAL A 172 -15.52 -2.04 -9.94
N ASN A 173 -16.47 -1.28 -9.37
CA ASN A 173 -17.72 -1.03 -10.09
C ASN A 173 -18.35 0.32 -9.79
N ILE A 174 -19.04 0.85 -10.81
CA ILE A 174 -19.87 2.05 -10.78
C ILE A 174 -21.23 1.66 -11.38
N SER A 175 -22.32 2.00 -10.70
CA SER A 175 -23.68 1.72 -11.14
C SER A 175 -24.63 2.83 -10.67
N THR A 176 -25.89 2.85 -11.17
CA THR A 176 -26.88 3.83 -10.71
C THR A 176 -28.07 3.12 -10.07
N ARG A 177 -28.83 3.85 -9.23
CA ARG A 177 -30.02 3.39 -8.51
C ARG A 177 -31.14 4.41 -8.74
N PHE A 178 -31.56 4.55 -10.02
CA PHE A 178 -32.56 5.52 -10.45
C PHE A 178 -33.98 4.97 -10.62
N ALA A 179 -34.17 3.64 -10.57
CA ALA A 179 -35.52 3.04 -10.71
C ALA A 179 -36.40 3.52 -9.55
N GLY A 180 -37.61 3.97 -9.89
CA GLY A 180 -38.55 4.50 -8.89
C GLY A 180 -38.15 5.86 -8.31
N THR A 181 -37.24 6.59 -9.02
CA THR A 181 -36.80 7.96 -8.73
C THR A 181 -37.20 8.86 -9.92
N PRO A 182 -37.11 10.22 -9.83
CA PRO A 182 -37.41 11.05 -11.01
C PRO A 182 -36.30 11.01 -12.08
N PHE A 183 -35.22 10.21 -11.85
CA PHE A 183 -34.05 10.07 -12.72
C PHE A 183 -34.02 8.71 -13.44
N ALA A 184 -35.14 7.96 -13.34
CA ALA A 184 -35.33 6.63 -13.94
C ALA A 184 -35.11 6.70 -15.45
N GLY A 185 -34.25 5.80 -15.95
CA GLY A 185 -33.95 5.69 -17.38
C GLY A 185 -32.93 6.66 -17.92
N ARG A 186 -32.19 7.31 -17.02
CA ARG A 186 -31.19 8.26 -17.47
C ARG A 186 -29.82 7.74 -17.19
N GLU A 187 -28.87 8.04 -18.08
CA GLU A 187 -27.50 7.59 -17.94
C GLU A 187 -26.57 8.66 -17.38
N VAL A 188 -25.51 8.21 -16.70
CA VAL A 188 -24.45 9.02 -16.12
C VAL A 188 -23.14 8.72 -16.87
N ARG A 189 -22.41 9.77 -17.27
CA ARG A 189 -21.13 9.60 -17.93
C ARG A 189 -20.03 9.86 -16.90
N ILE A 190 -19.08 8.91 -16.78
CA ILE A 190 -17.94 9.01 -15.87
C ILE A 190 -16.85 9.72 -16.67
N ASP A 191 -16.63 11.01 -16.34
CA ASP A 191 -15.68 11.89 -16.97
C ASP A 191 -14.25 11.58 -16.52
N ALA A 192 -14.02 11.45 -15.18
CA ALA A 192 -12.70 11.17 -14.61
C ALA A 192 -12.77 10.57 -13.19
N VAL A 193 -11.70 9.86 -12.80
CA VAL A 193 -11.54 9.23 -11.49
C VAL A 193 -10.15 9.60 -10.94
N GLY A 194 -10.10 9.92 -9.66
CA GLY A 194 -8.86 10.24 -8.96
C GLY A 194 -8.95 10.03 -7.46
N ILE A 195 -7.82 10.23 -6.77
CA ILE A 195 -7.73 10.13 -5.32
C ILE A 195 -7.52 11.52 -4.72
N TYR A 196 -8.38 11.90 -3.78
CA TYR A 196 -8.31 13.14 -3.00
C TYR A 196 -7.74 12.76 -1.63
N ASN A 197 -6.92 13.65 -1.06
CA ASN A 197 -6.25 13.50 0.23
C ASN A 197 -5.30 12.28 0.27
N LYS A 199 -1.70 10.46 0.84
CA LYS A 199 -0.35 10.58 1.39
C LYS A 199 0.61 10.09 0.28
N THR A 200 1.54 10.94 -0.12
CA THR A 200 2.52 10.60 -1.17
C THR A 200 3.92 10.36 -0.57
N LYS A 201 3.98 10.37 0.77
CA LYS A 201 5.20 10.15 1.53
C LYS A 201 4.92 9.12 2.62
N SER A 202 5.97 8.39 3.03
CA SER A 202 5.89 7.35 4.03
C SER A 202 7.23 7.10 4.65
N TYR A 203 7.25 6.61 5.90
CA TYR A 203 8.51 6.16 6.47
C TYR A 203 8.83 4.83 5.77
N TYR A 204 10.12 4.46 5.73
CA TYR A 204 10.54 3.22 5.08
C TYR A 204 10.10 2.01 5.89
N PHE A 205 10.08 2.18 7.22
CA PHE A 205 9.80 1.10 8.14
C PHE A 205 9.14 1.61 9.43
N SER A 206 8.69 0.65 10.27
CA SER A 206 8.12 0.84 11.61
C SER A 206 8.82 -0.09 12.62
N GLU A 207 8.84 0.27 13.91
CA GLU A 207 9.47 -0.60 14.92
C GLU A 207 8.73 -1.93 15.05
N ALA A 208 7.38 -1.90 15.03
CA ALA A 208 6.55 -3.11 15.14
C ALA A 208 6.30 -3.72 13.77
N ASP A 209 6.01 -5.04 13.72
CA ASP A 209 5.74 -5.73 12.48
C ASP A 209 4.37 -5.25 12.00
N TRP A 210 4.31 -4.72 10.74
CA TRP A 210 3.13 -4.12 10.10
C TRP A 210 2.68 -2.87 10.90
N GLY A 211 3.62 -2.24 11.61
CA GLY A 211 3.34 -1.03 12.38
C GLY A 211 3.08 0.16 11.48
N GLU A 212 2.85 1.34 12.08
CA GLU A 212 2.53 2.58 11.39
C GLU A 212 3.72 3.14 10.64
N THR A 213 3.53 3.42 9.33
CA THR A 213 4.53 4.00 8.42
C THR A 213 4.10 5.40 7.92
N GLU A 214 2.86 5.82 8.23
CA GLU A 214 2.29 7.09 7.85
C GLU A 214 3.21 8.27 8.19
N ALA A 215 3.49 9.12 7.19
CA ALA A 215 4.35 10.31 7.35
C ALA A 215 3.48 11.54 7.60
N PRO A 216 3.93 12.52 8.42
CA PRO A 216 3.09 13.70 8.71
C PRO A 216 2.87 14.67 7.53
N ASP A 217 3.66 14.52 6.46
CA ASP A 217 3.65 15.34 5.25
C ASP A 217 2.23 15.52 4.70
N ALA A 218 1.90 16.77 4.31
CA ALA A 218 0.60 17.18 3.79
C ALA A 218 0.13 16.30 2.65
N VAL A 219 -1.17 15.94 2.69
CA VAL A 219 -1.83 15.13 1.65
C VAL A 219 -1.89 15.92 0.35
N ARG A 220 -2.09 15.22 -0.74
CA ARG A 220 -2.13 15.78 -2.08
C ARG A 220 -3.20 15.03 -2.88
N ASN A 221 -3.79 15.67 -3.89
CA ASN A 221 -4.75 15.01 -4.75
C ASN A 221 -4.02 14.48 -5.96
N SER A 222 -4.40 13.31 -6.45
CA SER A 222 -3.80 12.68 -7.62
C SER A 222 -4.21 13.39 -8.89
N GLU A 223 -3.53 13.05 -9.99
CA GLU A 223 -3.94 13.47 -11.31
C GLU A 223 -5.14 12.62 -11.67
N ASP A 224 -6.11 13.23 -12.36
CA ASP A 224 -7.32 12.56 -12.79
C ASP A 224 -7.04 11.58 -13.94
N THR A 225 -7.71 10.42 -13.93
CA THR A 225 -7.64 9.43 -15.00
C THR A 225 -8.93 9.65 -15.81
N SER A 226 -8.80 10.15 -17.04
CA SER A 226 -9.93 10.45 -17.93
C SER A 226 -10.46 9.19 -18.62
N PHE A 227 -11.75 9.22 -18.98
CA PHE A 227 -12.45 8.13 -19.66
C PHE A 227 -13.20 8.66 -20.86
N GLU A 228 -13.06 7.99 -22.01
CA GLU A 228 -13.69 8.44 -23.24
C GLU A 228 -15.14 7.96 -23.33
N ASP A 229 -15.35 6.64 -23.28
CA ASP A 229 -16.70 6.10 -23.39
C ASP A 229 -16.99 5.17 -22.21
N LEU A 230 -17.28 5.80 -21.05
CA LEU A 230 -17.63 5.11 -19.82
C LEU A 230 -19.00 5.59 -19.38
N LEU A 231 -20.03 4.86 -19.85
CA LEU A 231 -21.43 5.17 -19.61
C LEU A 231 -22.01 4.16 -18.62
N VAL A 232 -22.79 4.66 -17.66
CA VAL A 232 -23.36 3.83 -16.61
C VAL A 232 -24.89 4.09 -16.46
N ASN A 233 -25.63 3.00 -16.15
CA ASN A 233 -27.08 2.92 -15.94
C ASN A 233 -27.41 1.88 -14.84
N ASP A 234 -28.71 1.52 -14.68
CA ASP A 234 -29.17 0.52 -13.71
C ASP A 234 -28.87 -0.88 -14.26
N GLY A 235 -27.97 -1.59 -13.59
CA GLY A 235 -27.56 -2.94 -13.97
C GLY A 235 -26.17 -3.02 -14.59
N THR A 236 -25.39 -1.91 -14.58
CA THR A 236 -24.03 -1.90 -15.11
C THR A 236 -23.08 -2.58 -14.12
N SER A 237 -22.40 -3.63 -14.60
CA SER A 237 -21.39 -4.42 -13.90
C SER A 237 -20.09 -4.32 -14.71
N ILE A 238 -19.07 -3.65 -14.10
CA ILE A 238 -17.79 -3.37 -14.75
C ILE A 238 -16.76 -4.42 -14.29
N SER A 239 -16.42 -5.34 -15.22
CA SER A 239 -15.51 -6.47 -15.05
C SER A 239 -14.02 -6.13 -15.28
N ASN A 240 -13.73 -4.88 -15.70
CA ASN A 240 -12.37 -4.44 -16.03
C ASN A 240 -11.61 -3.76 -14.87
N THR A 241 -12.31 -3.20 -13.83
CA THR A 241 -11.72 -2.45 -12.70
C THR A 241 -10.93 -1.28 -13.36
N PRO A 242 -11.64 -0.20 -13.78
CA PRO A 242 -10.99 0.84 -14.59
C PRO A 242 -9.98 1.73 -13.88
N PHE A 243 -9.95 1.72 -12.54
CA PHE A 243 -9.04 2.59 -11.82
C PHE A 243 -8.35 1.83 -10.70
N VAL A 244 -7.02 1.85 -10.71
CA VAL A 244 -6.16 1.21 -9.72
C VAL A 244 -5.09 2.23 -9.36
N HIS A 245 -4.93 2.54 -8.08
CA HIS A 245 -3.92 3.51 -7.67
C HIS A 245 -3.24 3.11 -6.36
N TYR A 246 -1.92 3.18 -6.33
CA TYR A 246 -1.17 2.98 -5.11
C TYR A 246 -1.23 4.28 -4.32
N VAL A 247 -1.32 4.17 -3.01
CA VAL A 247 -1.29 5.32 -2.09
C VAL A 247 -0.42 4.91 -0.88
N GLU A 249 0.09 4.93 3.49
CA GLU A 249 -0.80 4.79 4.66
C GLU A 249 -1.40 6.13 5.06
N ASN A 250 -2.69 6.13 5.44
CA ASN A 250 -3.41 7.35 5.88
C ASN A 250 -4.53 6.96 6.85
N LYS A 252 -4.14 8.46 10.55
CA LYS A 252 -3.99 9.41 11.66
C LYS A 252 -4.38 10.82 11.27
N SER A 253 -4.20 11.17 9.98
CA SER A 253 -4.51 12.48 9.40
C SER A 253 -6.00 12.80 9.47
N ASP A 254 -6.32 14.10 9.61
CA ASP A 254 -7.71 14.55 9.61
C ASP A 254 -8.22 14.55 8.16
N ASP A 255 -7.30 14.67 7.21
CA ASP A 255 -7.57 14.66 5.78
C ASP A 255 -7.55 13.21 5.29
N HIS A 256 -8.70 12.52 5.41
CA HIS A 256 -8.88 11.12 5.00
C HIS A 256 -8.88 10.96 3.50
N THR A 257 -8.19 9.91 3.00
CA THR A 257 -8.09 9.53 1.58
C THR A 257 -9.50 9.26 1.07
N ILE A 259 -12.15 8.73 -2.67
CA ILE A 259 -12.34 8.48 -4.09
C ILE A 259 -13.02 9.77 -4.62
N ALA A 260 -12.57 10.25 -5.78
CA ALA A 260 -13.12 11.43 -6.45
C ALA A 260 -13.61 11.02 -7.81
N VAL A 261 -14.86 11.37 -8.14
CA VAL A 261 -15.48 11.02 -9.42
C VAL A 261 -16.20 12.21 -9.99
N LYS A 262 -15.74 12.71 -11.15
CA LYS A 262 -16.43 13.76 -11.91
C LYS A 262 -17.40 13.01 -12.82
N ALA A 263 -18.69 13.18 -12.57
CA ALA A 263 -19.73 12.47 -13.33
C ALA A 263 -20.79 13.42 -13.82
N THR A 264 -21.34 13.12 -15.02
CA THR A 264 -22.37 13.91 -15.65
C THR A 264 -23.64 13.11 -15.92
N LEU A 265 -24.77 13.51 -15.31
CA LEU A 265 -26.08 12.95 -15.63
C LEU A 265 -26.50 13.53 -16.98
N ARG A 266 -26.70 12.65 -17.98
CA ARG A 266 -27.05 13.06 -19.35
C ARG A 266 -28.49 13.65 -19.43
N GLY A 267 -28.70 14.53 -20.40
CA GLY A 267 -29.97 15.21 -20.66
C GLY A 267 -31.05 14.37 -21.33
N ASN A 268 -32.24 14.97 -21.58
CA ASN A 268 -33.39 14.27 -22.18
C ASN A 268 -34.42 15.22 -22.87
N SER A 269 -33.97 16.44 -23.30
CA SER A 269 -34.74 17.51 -23.97
C SER A 269 -35.55 18.37 -22.98
N SER A 270 -35.93 17.76 -21.83
CA SER A 270 -36.66 18.42 -20.75
C SER A 270 -35.66 18.95 -19.69
N TYR A 271 -34.61 18.17 -19.39
CA TYR A 271 -33.63 18.55 -18.37
C TYR A 271 -32.21 18.57 -18.91
N GLN A 272 -31.44 19.57 -18.46
CA GLN A 272 -30.04 19.80 -18.82
C GLN A 272 -29.10 18.72 -18.26
N ASP A 273 -27.86 18.71 -18.80
CA ASP A 273 -26.78 17.85 -18.32
C ASP A 273 -26.36 18.35 -16.95
N HIS A 274 -26.09 17.45 -16.00
CA HIS A 274 -25.68 17.91 -14.66
C HIS A 274 -24.35 17.26 -14.28
N THR A 275 -23.28 18.09 -14.18
CA THR A 275 -21.93 17.64 -13.84
C THR A 275 -21.54 18.09 -12.42
N LYS A 276 -21.00 17.14 -11.63
CA LYS A 276 -20.52 17.36 -10.26
C LYS A 276 -19.29 16.54 -9.98
N ILE A 277 -18.55 16.94 -8.94
CA ILE A 277 -17.40 16.19 -8.45
C ILE A 277 -17.92 15.51 -7.17
N PHE A 278 -17.85 14.16 -7.13
CA PHE A 278 -18.35 13.33 -6.04
C PHE A 278 -17.19 12.76 -5.27
N THR A 279 -17.19 12.93 -3.94
CA THR A 279 -16.10 12.41 -3.12
C THR A 279 -16.65 11.57 -1.98
N ALA A 280 -15.87 10.59 -1.54
CA ALA A 280 -16.22 9.73 -0.42
C ALA A 280 -14.96 9.19 0.24
N VAL A 281 -14.96 9.19 1.60
CA VAL A 281 -13.89 8.66 2.44
C VAL A 281 -13.83 7.14 2.23
N ILE A 282 -12.63 6.61 1.92
CA ILE A 282 -12.41 5.17 1.74
C ILE A 282 -12.24 4.52 3.12
N ASN A 283 -13.02 3.44 3.37
CA ASN A 283 -13.00 2.60 4.57
C ASN A 283 -13.27 3.40 5.88
N ALA A 284 -14.25 4.32 5.84
CA ALA A 284 -14.69 5.09 7.02
C ALA A 284 -15.32 4.15 8.11
N GLY A 285 -15.93 3.05 7.68
CA GLY A 285 -16.55 2.09 8.60
C GLY A 285 -15.88 0.73 8.70
N GLY A 286 -14.56 0.67 8.44
CA GLY A 286 -13.79 -0.56 8.50
C GLY A 286 -13.92 -1.36 9.78
N LEU A 287 -13.76 -0.68 10.93
CA LEU A 287 -13.83 -1.31 12.24
C LEU A 287 -15.25 -1.88 12.55
N GLN A 288 -16.32 -1.22 12.03
CA GLN A 288 -17.71 -1.66 12.19
C GLN A 288 -18.01 -2.87 11.29
N ASN A 289 -17.31 -2.97 10.16
CA ASN A 289 -17.48 -4.01 9.15
C ASN A 289 -16.69 -5.30 9.46
N GLY A 290 -15.93 -5.31 10.56
CA GLY A 290 -15.15 -6.47 10.95
C GLY A 290 -13.69 -6.48 10.52
N TYR A 291 -13.17 -5.35 9.99
CA TYR A 291 -11.76 -5.27 9.61
C TYR A 291 -10.96 -4.72 10.80
N ASP A 292 -9.62 -4.86 10.77
CA ASP A 292 -8.76 -4.45 11.90
C ASP A 292 -8.48 -2.95 11.94
N HIS A 293 -9.09 -2.16 11.03
CA HIS A 293 -8.83 -0.71 11.00
C HIS A 293 -9.83 0.03 10.14
N ASN A 294 -9.89 1.35 10.32
CA ASN A 294 -10.59 2.30 9.47
C ASN A 294 -9.53 2.97 8.62
N PHE A 295 -9.97 3.62 7.55
CA PHE A 295 -9.16 4.37 6.60
C PHE A 295 -8.17 3.44 5.90
N ILE A 296 -6.97 3.95 5.53
CA ILE A 296 -6.00 3.25 4.71
C ILE A 296 -4.79 2.76 5.48
N ARG A 297 -4.59 1.44 5.47
CA ARG A 297 -3.43 0.84 6.09
C ARG A 297 -2.46 0.28 5.03
N ARG A 298 -1.16 0.28 5.35
CA ARG A 298 -0.11 -0.30 4.52
C ARG A 298 -0.42 -1.80 4.23
N ASN A 299 -0.02 -2.28 3.04
CA ASN A 299 -0.16 -3.68 2.61
C ASN A 299 -1.63 -4.19 2.60
N TYR A 300 -2.61 -3.29 2.32
CA TYR A 300 -4.00 -3.67 2.18
C TYR A 300 -4.51 -3.24 0.81
N VAL A 301 -5.53 -3.94 0.28
CA VAL A 301 -6.16 -3.61 -0.99
C VAL A 301 -7.61 -3.14 -0.66
N TYR A 302 -8.07 -2.05 -1.28
CA TYR A 302 -9.41 -1.50 -1.04
C TYR A 302 -10.24 -1.61 -2.33
N ARG A 303 -11.29 -2.45 -2.29
CA ARG A 303 -12.19 -2.69 -3.43
C ARG A 303 -13.40 -1.78 -3.24
N LEU A 304 -13.57 -0.86 -4.18
CA LEU A 304 -14.60 0.18 -4.14
C LEU A 304 -15.72 -0.04 -5.14
N ARG A 305 -16.97 0.08 -4.65
CA ARG A 305 -18.17 0.01 -5.45
C ARG A 305 -18.90 1.33 -5.28
N ILE A 306 -19.15 2.02 -6.41
CA ILE A 306 -19.81 3.33 -6.43
C ILE A 306 -21.28 3.20 -6.92
N TYR A 307 -22.16 4.00 -6.30
CA TYR A 307 -23.59 4.08 -6.60
C TYR A 307 -24.10 5.51 -6.68
N PHE A 308 -24.80 5.84 -7.77
CA PHE A 308 -25.52 7.09 -7.94
C PHE A 308 -26.97 6.76 -7.65
N ASP A 309 -27.73 7.70 -7.07
CA ASP A 309 -29.15 7.46 -6.76
C ASP A 309 -29.96 8.74 -7.01
N GLY A 310 -31.21 8.78 -6.53
CA GLY A 310 -32.13 9.92 -6.68
C GLY A 310 -31.69 11.21 -6.01
N GLU A 311 -30.71 11.14 -5.09
CA GLU A 311 -30.14 12.25 -4.34
C GLU A 311 -28.79 12.72 -4.94
N SER A 312 -28.31 12.04 -6.01
CA SER A 312 -27.01 12.35 -6.63
C SER A 312 -27.01 13.63 -7.48
N PHE A 313 -28.06 13.87 -8.29
CA PHE A 313 -28.13 15.02 -9.20
C PHE A 313 -29.49 15.77 -9.12
N ASP A 314 -29.58 16.93 -9.77
CA ASP A 314 -30.81 17.72 -9.81
C ASP A 314 -31.37 17.79 -11.23
N ASN A 315 -32.70 17.95 -11.34
CA ASN A 315 -33.38 18.09 -12.62
C ASN A 315 -33.43 19.57 -12.97
N ILE A 316 -32.38 20.04 -13.67
CA ILE A 316 -32.24 21.43 -14.06
C ILE A 316 -33.03 21.65 -15.36
N PRO A 317 -34.09 22.48 -15.33
CA PRO A 317 -34.86 22.71 -16.57
C PRO A 317 -34.00 23.38 -17.66
N VAL A 318 -34.30 23.03 -18.93
CA VAL A 318 -33.65 23.51 -20.15
C VAL A 318 -33.85 25.05 -20.29
N THR A 319 -32.71 25.78 -20.47
CA THR A 319 -32.64 27.22 -20.66
C THR A 319 -32.84 27.56 -22.13
N PRO A 320 -34.03 28.09 -22.44
CA PRO A 320 -34.17 29.02 -23.58
C PRO A 320 -32.99 29.97 -23.73
N PRO A 328 -20.66 27.01 -14.14
CA PRO A 328 -19.67 26.35 -15.00
C PRO A 328 -18.67 25.49 -14.20
N GLU A 329 -18.16 25.98 -13.04
CA GLU A 329 -17.23 25.22 -12.19
C GLU A 329 -18.03 24.13 -11.44
N PRO A 330 -17.65 22.82 -11.55
CA PRO A 330 -18.47 21.77 -10.91
C PRO A 330 -18.42 21.80 -9.38
N GLU A 331 -19.61 21.74 -8.76
CA GLU A 331 -19.79 21.71 -7.31
C GLU A 331 -19.30 20.37 -6.75
N VAL A 332 -18.80 20.39 -5.50
CA VAL A 332 -18.31 19.19 -4.86
C VAL A 332 -19.38 18.64 -3.88
N ASP A 333 -19.75 17.36 -4.06
CA ASP A 333 -20.67 16.64 -3.21
C ASP A 333 -19.85 15.56 -2.48
N THR A 334 -19.66 15.75 -1.17
CA THR A 334 -18.88 14.89 -0.27
C THR A 334 -19.72 13.70 0.22
N ASN A 335 -21.02 13.64 -0.14
CA ASN A 335 -21.95 12.61 0.31
C ASN A 335 -22.14 11.40 -0.69
N LEU A 336 -21.12 11.11 -1.51
CA LEU A 336 -21.17 9.97 -2.44
C LEU A 336 -21.27 8.64 -1.67
N ASN A 337 -22.26 7.81 -2.03
CA ASN A 337 -22.51 6.48 -1.46
C ASN A 337 -21.58 5.49 -2.15
N ILE A 338 -20.70 4.84 -1.36
CA ILE A 338 -19.73 3.83 -1.82
C ILE A 338 -19.67 2.66 -0.82
N ALA A 339 -19.33 1.47 -1.33
CA ALA A 339 -19.12 0.28 -0.50
C ALA A 339 -17.65 -0.09 -0.61
N VAL A 340 -16.95 -0.26 0.53
CA VAL A 340 -15.51 -0.58 0.53
C VAL A 340 -15.26 -1.97 1.15
N GLN A 341 -14.68 -2.87 0.33
CA GLN A 341 -14.26 -4.20 0.80
C GLN A 341 -12.73 -4.20 1.00
N VAL A 342 -12.28 -4.37 2.26
CA VAL A 342 -10.85 -4.39 2.63
C VAL A 342 -10.37 -5.82 2.50
N VAL A 343 -9.39 -6.06 1.62
CA VAL A 343 -8.91 -7.42 1.36
C VAL A 343 -7.39 -7.54 1.58
N GLY A 344 -6.95 -8.77 1.82
CA GLY A 344 -5.55 -9.12 1.98
C GLY A 344 -4.80 -8.96 0.68
N TRP A 345 -3.50 -8.72 0.76
CA TRP A 345 -2.65 -8.54 -0.41
C TRP A 345 -1.73 -9.77 -0.55
N GLY A 346 -2.36 -10.93 -0.72
CA GLY A 346 -1.66 -12.20 -0.82
C GLY A 346 -1.52 -12.78 -2.21
N PRO A 347 -0.48 -13.64 -2.41
CA PRO A 347 -0.28 -14.29 -3.72
C PRO A 347 -1.08 -15.56 -3.88
N VAL A 348 -0.91 -16.24 -5.04
CA VAL A 348 -1.47 -17.57 -5.30
C VAL A 348 -0.50 -18.58 -4.64
N GLN A 350 2.22 -21.17 -3.35
CA GLN A 350 3.63 -21.38 -3.77
C GLN A 350 4.12 -22.85 -3.58
N HIS A 351 5.37 -23.16 -4.00
CA HIS A 351 5.99 -24.50 -3.97
C HIS A 351 6.75 -24.77 -2.68
#